data_4A00
#
_entry.id   4A00
#
_cell.length_a   85.149
_cell.length_b   153.999
_cell.length_c   80.188
_cell.angle_alpha   90.00
_cell.angle_beta   90.00
_cell.angle_gamma   90.00
#
_symmetry.space_group_name_H-M   'C 2 2 21'
#
loop_
_entity.id
_entity.type
_entity.pdbx_description
1 polymer 'ASPARTATE AMINOTRANSFERASE'
2 non-polymer "ALANYL-PYRIDOXAL-5'-PHOSPHATE"
3 non-polymer DI(HYDROXYETHYL)ETHER
4 non-polymer GLYCEROL
5 water water
#
_entity_poly.entity_id   1
_entity_poly.type   'polypeptide(L)'
_entity_poly.pdbx_seq_one_letter_code
;MFENITAAPADPILGLADLFRADERPGKINLGQGVYKDETGKTPVLTSVKKAEQYLLENETTKNYLGIDGIPEFGRCTQE
LLFGKGSALINDKRARTAQTPGGTGALRVAADFLAKNTSVKRVWVSNPSWPNHKSVFNSAGLEVREYAYYDAENHTLDFD
ALINSLNEAQAGDVVLFHGCCHNPTGIDPTLEQWQTLAQLSVEKGWLPLFDFAQQGFARGLEEDAEGLRAFAAMHKELIV
ASSYSKNFGLYNERVGACTLVAADSETVDRAFSQMKAAIYANYSNPPAHGASVVATILSNDALRAIWEQELTDMRQRIQR
MRQLFVNTLQEKGANRDFSFIIKQNGMFSFSGLTKEQVLRLREEFGVYAVASGRVNVAGMTPDNMAPLCEAIVAVL
;
_entity_poly.pdbx_strand_id   A
#
loop_
_chem_comp.id
_chem_comp.type
_chem_comp.name
_chem_comp.formula
GOL non-polymer GLYCEROL 'C3 H8 O3'
PEG non-polymer DI(HYDROXYETHYL)ETHER 'C4 H10 O3'
PP3 non-polymer ALANYL-PYRIDOXAL-5'-PHOSPHATE 'C11 H17 N2 O7 P'
#
# COMPACT_ATOMS: atom_id res chain seq x y z
N MET A 1 -1.33 -33.61 -19.42
CA MET A 1 -0.81 -32.20 -19.52
C MET A 1 -0.30 -31.65 -18.20
N PHE A 2 -0.91 -32.09 -17.09
CA PHE A 2 -0.57 -31.56 -15.79
C PHE A 2 0.38 -32.46 -14.98
N GLU A 3 0.68 -33.67 -15.50
CA GLU A 3 1.53 -34.70 -14.79
C GLU A 3 2.79 -34.15 -14.14
N ASN A 4 3.48 -33.25 -14.85
CA ASN A 4 4.82 -32.77 -14.44
C ASN A 4 4.95 -31.32 -13.90
N ILE A 5 3.82 -30.62 -13.76
CA ILE A 5 3.82 -29.25 -13.24
C ILE A 5 4.54 -29.19 -11.88
N THR A 6 5.53 -28.31 -11.81
CA THR A 6 6.27 -28.03 -10.59
C THR A 6 5.34 -27.34 -9.59
N ALA A 7 5.47 -27.66 -8.31
CA ALA A 7 4.68 -27.02 -7.27
C ALA A 7 5.12 -25.58 -7.11
N ALA A 8 4.17 -24.71 -6.81
CA ALA A 8 4.49 -23.35 -6.42
C ALA A 8 5.19 -23.48 -5.09
N PRO A 9 6.28 -22.74 -4.89
CA PRO A 9 6.92 -22.86 -3.59
C PRO A 9 6.00 -22.41 -2.46
N ALA A 10 6.26 -22.97 -1.28
CA ALA A 10 5.63 -22.61 0.00
C ALA A 10 4.70 -21.39 -0.03
N ASP A 11 5.27 -20.22 0.24
CA ASP A 11 4.50 -19.02 0.65
C ASP A 11 4.58 -18.87 2.17
N PRO A 12 5.54 -18.07 2.64
CA PRO A 12 5.68 -17.91 4.09
C PRO A 12 4.52 -17.09 4.71
N ILE A 13 3.97 -16.11 3.99
CA ILE A 13 2.86 -15.33 4.56
C ILE A 13 1.69 -16.25 4.95
N LEU A 14 1.25 -17.13 4.06
CA LEU A 14 0.23 -18.11 4.44
C LEU A 14 0.80 -19.12 5.45
N GLY A 15 2.03 -19.57 5.19
CA GLY A 15 2.75 -20.49 6.07
C GLY A 15 2.79 -19.99 7.50
N LEU A 16 3.05 -18.69 7.64
CA LEU A 16 3.04 -18.04 8.93
C LEU A 16 1.63 -18.00 9.51
N ALA A 17 0.66 -17.57 8.71
CA ALA A 17 -0.73 -17.54 9.16
C ALA A 17 -1.20 -18.94 9.60
N ASP A 18 -0.90 -19.96 8.81
CA ASP A 18 -1.20 -21.34 9.22
C ASP A 18 -0.57 -21.69 10.56
N LEU A 19 0.75 -21.54 10.63
CA LEU A 19 1.47 -21.87 11.86
C LEU A 19 0.86 -21.08 13.03
N PHE A 20 0.46 -19.85 12.78
CA PHE A 20 -0.16 -19.02 13.83
C PHE A 20 -1.50 -19.54 14.33
N ARG A 21 -2.35 -20.05 13.43
CA ARG A 21 -3.66 -20.55 13.86
C ARG A 21 -3.51 -21.84 14.69
N ALA A 22 -2.72 -22.78 14.18
CA ALA A 22 -2.44 -24.07 14.85
C ALA A 22 -1.63 -23.95 16.13
N ASP A 23 -1.07 -22.77 16.39
CA ASP A 23 -0.33 -22.56 17.63
C ASP A 23 -1.32 -22.57 18.80
N GLU A 24 -1.23 -23.63 19.62
CA GLU A 24 -2.18 -23.85 20.75
C GLU A 24 -1.66 -23.21 22.05
N ARG A 25 -0.97 -22.06 21.94
CA ARG A 25 -0.50 -21.34 23.12
C ARG A 25 -1.39 -20.15 23.39
N PRO A 26 -1.65 -19.86 24.69
CA PRO A 26 -2.64 -18.84 24.99
C PRO A 26 -2.19 -17.46 24.52
N GLY A 27 -0.94 -17.08 24.83
CA GLY A 27 -0.46 -15.72 24.60
C GLY A 27 0.32 -15.46 23.31
N LYS A 28 0.02 -16.22 22.27
CA LYS A 28 0.63 -16.00 20.95
C LYS A 28 0.31 -14.59 20.41
N ILE A 29 1.22 -14.01 19.65
CA ILE A 29 1.03 -12.64 19.17
C ILE A 29 1.40 -12.59 17.71
N ASN A 30 0.43 -12.22 16.88
CA ASN A 30 0.62 -12.08 15.45
C ASN A 30 0.93 -10.63 15.07
N LEU A 31 2.14 -10.44 14.54
CA LEU A 31 2.56 -9.17 13.98
C LEU A 31 2.93 -9.39 12.53
N GLY A 32 2.55 -10.55 12.00
CA GLY A 32 2.99 -10.98 10.70
C GLY A 32 2.10 -10.70 9.52
N GLN A 33 0.87 -10.23 9.74
N GLN A 33 0.90 -10.17 9.80
CA GLN A 33 -0.03 -10.06 8.59
CA GLN A 33 -0.15 -9.95 8.79
C GLN A 33 -0.13 -8.60 8.14
C GLN A 33 -0.10 -8.57 8.14
N GLY A 34 -0.83 -8.39 7.04
CA GLY A 34 -0.88 -7.12 6.35
C GLY A 34 -2.07 -6.23 6.64
N VAL A 35 -2.92 -6.59 7.61
CA VAL A 35 -4.15 -5.83 7.87
C VAL A 35 -4.16 -5.12 9.22
N TYR A 36 -5.00 -4.09 9.33
CA TYR A 36 -5.15 -3.37 10.57
C TYR A 36 -5.89 -4.22 11.60
N LYS A 37 -5.57 -4.01 12.87
CA LYS A 37 -6.26 -4.60 13.99
C LYS A 37 -6.51 -3.49 15.00
N ASP A 38 -7.66 -3.53 15.66
CA ASP A 38 -8.00 -2.50 16.64
C ASP A 38 -7.50 -2.90 18.02
N GLU A 39 -7.83 -2.13 19.05
CA GLU A 39 -7.31 -2.46 20.41
C GLU A 39 -7.67 -3.86 20.86
N THR A 40 -8.69 -4.47 20.24
CA THR A 40 -9.21 -5.75 20.65
C THR A 40 -8.57 -6.90 19.91
N GLY A 41 -7.81 -6.61 18.85
CA GLY A 41 -7.21 -7.69 18.02
C GLY A 41 -8.02 -8.05 16.77
N LYS A 42 -9.06 -7.28 16.46
CA LYS A 42 -9.97 -7.61 15.37
C LYS A 42 -9.78 -6.67 14.19
N THR A 43 -10.16 -7.15 13.01
CA THR A 43 -10.22 -6.36 11.80
C THR A 43 -11.70 -6.11 11.50
N PRO A 44 -12.25 -5.02 12.06
CA PRO A 44 -13.70 -4.85 12.04
C PRO A 44 -14.16 -4.18 10.78
N VAL A 45 -15.46 -4.23 10.52
CA VAL A 45 -16.05 -3.47 9.45
C VAL A 45 -16.29 -2.07 9.97
N LEU A 46 -15.87 -1.05 9.25
CA LEU A 46 -16.06 0.32 9.69
C LEU A 46 -17.56 0.66 9.77
N THR A 47 -17.92 1.53 10.71
CA THR A 47 -19.31 1.91 10.90
C THR A 47 -19.83 2.59 9.64
N SER A 48 -18.98 3.41 9.04
CA SER A 48 -19.30 4.10 7.80
C SER A 48 -19.61 3.12 6.67
N VAL A 49 -18.85 2.03 6.62
CA VAL A 49 -19.06 0.99 5.65
C VAL A 49 -20.40 0.31 5.87
N LYS A 50 -20.64 -0.16 7.10
CA LYS A 50 -21.93 -0.74 7.46
C LYS A 50 -23.10 0.16 7.07
N LYS A 51 -22.98 1.48 7.27
CA LYS A 51 -24.10 2.38 6.91
C LYS A 51 -24.27 2.48 5.40
N ALA A 52 -23.14 2.48 4.70
CA ALA A 52 -23.19 2.52 3.26
C ALA A 52 -23.84 1.24 2.68
N GLU A 53 -23.53 0.08 3.27
CA GLU A 53 -24.02 -1.22 2.80
C GLU A 53 -25.55 -1.36 3.00
N GLN A 54 -26.04 -0.78 4.11
CA GLN A 54 -27.46 -0.72 4.41
CA GLN A 54 -27.47 -0.76 4.39
C GLN A 54 -28.17 0.10 3.36
N TYR A 55 -27.62 1.28 3.11
CA TYR A 55 -28.16 2.13 2.09
C TYR A 55 -28.17 1.41 0.74
N LEU A 56 -27.12 0.66 0.41
CA LEU A 56 -27.08 0.02 -0.91
C LEU A 56 -28.12 -1.10 -0.97
N LEU A 57 -28.24 -1.84 0.14
CA LEU A 57 -29.21 -2.89 0.25
C LEU A 57 -30.61 -2.30 -0.01
N GLU A 58 -30.91 -1.12 0.53
CA GLU A 58 -32.27 -0.62 0.42
C GLU A 58 -32.51 0.08 -0.91
N ASN A 59 -31.46 0.55 -1.60
CA ASN A 59 -31.70 1.37 -2.82
C ASN A 59 -31.33 0.73 -4.17
N GLU A 60 -30.39 -0.21 -4.18
CA GLU A 60 -30.07 -0.93 -5.41
C GLU A 60 -31.27 -1.68 -6.00
N THR A 61 -31.55 -1.41 -7.28
CA THR A 61 -32.57 -2.12 -8.05
C THR A 61 -32.04 -2.96 -9.22
N THR A 62 -30.74 -2.92 -9.46
CA THR A 62 -30.11 -3.80 -10.47
C THR A 62 -28.65 -4.10 -10.10
N LYS A 63 -28.12 -5.21 -10.60
CA LYS A 63 -26.70 -5.51 -10.53
C LYS A 63 -26.11 -5.52 -11.97
N ASN A 64 -26.78 -4.86 -12.90
CA ASN A 64 -26.26 -4.81 -14.28
C ASN A 64 -24.80 -4.35 -14.35
N TYR A 65 -24.03 -4.90 -15.28
CA TYR A 65 -22.64 -4.53 -15.45
C TYR A 65 -22.33 -3.05 -15.29
N LEU A 66 -21.23 -2.76 -14.59
CA LEU A 66 -20.59 -1.45 -14.64
C LEU A 66 -19.80 -1.37 -15.96
N GLY A 67 -19.51 -0.16 -16.41
CA GLY A 67 -18.63 0.02 -17.54
C GLY A 67 -17.28 -0.54 -17.17
N ILE A 68 -16.42 -0.71 -18.15
CA ILE A 68 -15.08 -1.27 -17.95
C ILE A 68 -14.24 -0.51 -16.90
N ASP A 69 -14.44 0.79 -16.81
CA ASP A 69 -13.68 1.59 -15.85
C ASP A 69 -14.41 1.80 -14.50
N GLY A 70 -15.58 1.20 -14.37
CA GLY A 70 -16.32 1.20 -13.11
C GLY A 70 -17.19 2.43 -12.89
N ILE A 71 -17.49 2.70 -11.61
CA ILE A 71 -18.48 3.70 -11.22
C ILE A 71 -17.86 5.08 -11.43
N PRO A 72 -18.46 5.94 -12.26
CA PRO A 72 -17.88 7.29 -12.53
C PRO A 72 -17.52 8.16 -11.30
N GLU A 73 -18.41 8.26 -10.32
CA GLU A 73 -18.15 8.96 -9.06
C GLU A 73 -16.94 8.42 -8.32
N PHE A 74 -16.78 7.10 -8.35
CA PHE A 74 -15.66 6.46 -7.66
C PHE A 74 -14.37 7.05 -8.19
N GLY A 75 -14.29 7.08 -9.52
CA GLY A 75 -13.11 7.58 -10.20
C GLY A 75 -12.85 9.03 -9.84
N ARG A 76 -13.93 9.82 -9.82
CA ARG A 76 -13.84 11.27 -9.55
C ARG A 76 -13.35 11.52 -8.13
N CYS A 77 -13.95 10.81 -7.16
CA CYS A 77 -13.49 10.92 -5.76
C CYS A 77 -12.09 10.42 -5.59
N THR A 78 -11.71 9.37 -6.33
CA THR A 78 -10.34 8.84 -6.28
C THR A 78 -9.35 9.91 -6.72
N GLN A 79 -9.66 10.58 -7.83
CA GLN A 79 -8.80 11.61 -8.40
C GLN A 79 -8.63 12.82 -7.48
N GLU A 80 -9.68 13.26 -6.82
CA GLU A 80 -9.55 14.30 -5.81
C GLU A 80 -8.70 13.93 -4.60
N LEU A 81 -8.90 12.71 -4.10
CA LEU A 81 -8.09 12.19 -2.99
C LEU A 81 -6.62 12.17 -3.35
N LEU A 82 -6.30 11.71 -4.54
CA LEU A 82 -4.91 11.65 -4.96
C LEU A 82 -4.31 13.03 -5.27
N PHE A 83 -5.03 13.85 -6.04
CA PHE A 83 -4.42 15.05 -6.59
C PHE A 83 -4.85 16.33 -5.91
N GLY A 84 -5.89 16.26 -5.07
CA GLY A 84 -6.41 17.43 -4.37
C GLY A 84 -7.51 18.09 -5.18
N LYS A 85 -8.53 18.59 -4.49
CA LYS A 85 -9.49 19.47 -5.16
C LYS A 85 -8.71 20.63 -5.79
N GLY A 86 -9.08 21.02 -6.99
CA GLY A 86 -8.46 22.18 -7.61
C GLY A 86 -7.29 21.84 -8.52
N SER A 87 -6.80 20.61 -8.41
CA SER A 87 -5.70 20.15 -9.22
C SER A 87 -5.87 20.47 -10.70
N ALA A 88 -4.89 21.17 -11.27
CA ALA A 88 -4.89 21.47 -12.70
C ALA A 88 -5.03 20.21 -13.52
N LEU A 89 -4.39 19.13 -13.07
CA LEU A 89 -4.52 17.81 -13.70
C LEU A 89 -5.98 17.47 -13.91
N ILE A 90 -6.81 17.68 -12.89
CA ILE A 90 -8.23 17.38 -12.99
C ILE A 90 -8.93 18.41 -13.88
N ASN A 91 -8.63 19.69 -13.69
CA ASN A 91 -9.23 20.76 -14.51
C ASN A 91 -8.96 20.59 -15.97
N ASP A 92 -7.73 20.21 -16.29
CA ASP A 92 -7.34 20.02 -17.68
C ASP A 92 -7.78 18.65 -18.25
N LYS A 93 -8.33 17.79 -17.38
CA LYS A 93 -8.82 16.45 -17.76
C LYS A 93 -7.73 15.56 -18.30
N ARG A 94 -6.58 15.60 -17.64
CA ARG A 94 -5.42 14.81 -18.04
C ARG A 94 -5.37 13.41 -17.35
N ALA A 95 -6.35 13.10 -16.50
CA ALA A 95 -6.32 11.88 -15.70
C ALA A 95 -7.55 11.04 -15.97
N ARG A 96 -7.35 9.76 -16.25
CA ARG A 96 -8.45 8.83 -16.34
C ARG A 96 -8.23 7.74 -15.29
N THR A 97 -9.30 7.39 -14.59
CA THR A 97 -9.22 6.37 -13.55
C THR A 97 -10.11 5.18 -13.91
N ALA A 98 -9.57 3.98 -13.78
CA ALA A 98 -10.37 2.75 -13.79
C ALA A 98 -10.42 2.17 -12.41
N GLN A 99 -11.62 1.87 -11.98
CA GLN A 99 -11.86 1.06 -10.81
C GLN A 99 -11.29 -0.32 -11.07
N THR A 100 -10.59 -0.88 -10.09
CA THR A 100 -9.96 -2.19 -10.26
C THR A 100 -10.19 -3.10 -9.08
N PRO A 101 -10.00 -4.41 -9.26
CA PRO A 101 -10.06 -5.30 -8.08
C PRO A 101 -8.83 -5.16 -7.18
N GLY A 102 -8.89 -4.16 -6.32
CA GLY A 102 -7.80 -3.88 -5.39
C GLY A 102 -6.63 -3.13 -6.05
N GLY A 103 -5.72 -2.71 -5.19
CA GLY A 103 -4.43 -2.18 -5.60
C GLY A 103 -3.61 -3.13 -6.46
N THR A 104 -3.63 -4.42 -6.13
CA THR A 104 -2.93 -5.43 -6.96
C THR A 104 -3.50 -5.44 -8.38
N GLY A 105 -4.81 -5.48 -8.51
CA GLY A 105 -5.42 -5.44 -9.83
C GLY A 105 -5.01 -4.19 -10.61
N ALA A 106 -4.86 -3.10 -9.87
CA ALA A 106 -4.45 -1.85 -10.46
C ALA A 106 -3.00 -2.01 -10.98
N LEU A 107 -2.11 -2.57 -10.18
CA LEU A 107 -0.75 -2.79 -10.65
C LEU A 107 -0.70 -3.68 -11.89
N ARG A 108 -1.55 -4.70 -11.92
CA ARG A 108 -1.61 -5.64 -13.04
C ARG A 108 -2.17 -5.06 -14.31
N VAL A 109 -3.24 -4.27 -14.17
CA VAL A 109 -3.81 -3.54 -15.27
C VAL A 109 -2.72 -2.58 -15.81
N ALA A 110 -1.99 -1.89 -14.95
CA ALA A 110 -0.95 -0.98 -15.40
C ALA A 110 0.11 -1.79 -16.15
N ALA A 111 0.53 -2.88 -15.53
CA ALA A 111 1.58 -3.75 -16.10
C ALA A 111 1.20 -4.25 -17.50
N ASP A 112 -0.02 -4.75 -17.66
CA ASP A 112 -0.47 -5.23 -18.97
C ASP A 112 -0.55 -4.09 -19.96
N PHE A 113 -1.10 -2.96 -19.50
CA PHE A 113 -1.28 -1.80 -20.36
C PHE A 113 0.08 -1.38 -20.96
N LEU A 114 1.09 -1.25 -20.10
CA LEU A 114 2.45 -0.86 -20.51
C LEU A 114 3.13 -1.89 -21.43
N ALA A 115 3.07 -3.16 -21.04
CA ALA A 115 3.71 -4.25 -21.78
C ALA A 115 3.17 -4.30 -23.16
N LYS A 116 1.89 -4.01 -23.32
CA LYS A 116 1.22 -4.15 -24.60
C LYS A 116 1.22 -2.87 -25.48
N ASN A 117 1.30 -1.68 -24.88
CA ASN A 117 1.10 -0.47 -25.68
C ASN A 117 2.29 0.51 -25.63
N THR A 118 3.37 0.13 -24.97
CA THR A 118 4.54 0.96 -24.89
C THR A 118 5.79 0.10 -25.08
N SER A 119 6.94 0.74 -25.07
CA SER A 119 8.23 0.09 -25.18
C SER A 119 8.78 -0.28 -23.81
N VAL A 120 8.02 -0.04 -22.75
CA VAL A 120 8.46 -0.38 -21.43
C VAL A 120 8.84 -1.86 -21.37
N LYS A 121 10.01 -2.10 -20.79
CA LYS A 121 10.58 -3.44 -20.65
C LYS A 121 10.85 -3.77 -19.19
N ARG A 122 10.89 -2.77 -18.32
CA ARG A 122 11.56 -2.89 -17.06
C ARG A 122 10.93 -2.02 -16.01
N VAL A 123 10.80 -2.51 -14.79
CA VAL A 123 10.27 -1.72 -13.66
C VAL A 123 11.25 -1.75 -12.50
N TRP A 124 11.58 -0.59 -11.95
CA TRP A 124 12.45 -0.48 -10.79
C TRP A 124 11.62 -0.39 -9.48
N VAL A 125 11.91 -1.23 -8.50
CA VAL A 125 11.23 -1.20 -7.19
C VAL A 125 12.29 -1.10 -6.11
N SER A 126 11.92 -0.59 -4.95
CA SER A 126 12.85 -0.55 -3.82
C SER A 126 13.25 -1.95 -3.33
N ASN A 127 14.49 -2.06 -2.89
CA ASN A 127 14.98 -3.14 -2.02
C ASN A 127 14.96 -2.64 -0.59
N PRO A 128 14.15 -3.27 0.27
CA PRO A 128 13.18 -4.29 -0.06
C PRO A 128 11.90 -3.66 -0.59
N SER A 129 11.04 -4.49 -1.14
CA SER A 129 9.67 -4.09 -1.42
C SER A 129 8.77 -5.22 -0.91
N TRP A 130 7.49 -4.93 -0.84
CA TRP A 130 6.47 -5.96 -0.82
C TRP A 130 6.72 -6.94 -2.02
N PRO A 131 6.73 -8.29 -1.78
CA PRO A 131 7.12 -9.25 -2.87
C PRO A 131 6.11 -9.51 -4.02
N ASN A 132 4.90 -8.99 -3.90
CA ASN A 132 3.90 -9.15 -4.94
C ASN A 132 4.19 -8.23 -6.14
N HIS A 133 4.87 -7.11 -5.91
CA HIS A 133 5.18 -6.23 -7.03
C HIS A 133 5.87 -7.05 -8.12
N LYS A 134 6.90 -7.80 -7.71
CA LYS A 134 7.74 -8.52 -8.62
C LYS A 134 6.97 -9.52 -9.45
N SER A 135 6.05 -10.24 -8.81
CA SER A 135 5.23 -11.25 -9.48
C SER A 135 4.22 -10.64 -10.41
N VAL A 136 3.66 -9.48 -10.04
CA VAL A 136 2.72 -8.82 -10.93
C VAL A 136 3.43 -8.41 -12.22
N PHE A 137 4.57 -7.75 -12.09
CA PHE A 137 5.23 -7.22 -13.28
C PHE A 137 5.82 -8.34 -14.13
N ASN A 138 6.44 -9.31 -13.48
CA ASN A 138 6.92 -10.54 -14.18
C ASN A 138 5.84 -11.26 -14.98
N SER A 139 4.62 -11.34 -14.44
CA SER A 139 3.48 -11.95 -15.18
C SER A 139 3.14 -11.28 -16.50
N ALA A 140 3.33 -9.96 -16.58
CA ALA A 140 3.02 -9.26 -17.84
C ALA A 140 4.25 -9.22 -18.75
N GLY A 141 5.33 -9.86 -18.31
CA GLY A 141 6.57 -10.02 -19.08
C GLY A 141 7.54 -8.88 -18.83
N LEU A 142 7.45 -8.22 -17.66
CA LEU A 142 8.30 -7.09 -17.36
C LEU A 142 9.42 -7.52 -16.45
N GLU A 143 10.63 -7.11 -16.79
CA GLU A 143 11.77 -7.33 -15.91
C GLU A 143 11.60 -6.41 -14.72
N VAL A 144 12.05 -6.87 -13.55
CA VAL A 144 12.04 -6.09 -12.36
C VAL A 144 13.47 -5.88 -11.87
N ARG A 145 13.85 -4.63 -11.61
CA ARG A 145 15.15 -4.35 -11.05
C ARG A 145 14.97 -3.67 -9.70
N GLU A 146 15.97 -3.79 -8.84
CA GLU A 146 15.93 -3.25 -7.47
C GLU A 146 16.75 -1.98 -7.35
N TYR A 147 16.22 -0.98 -6.65
CA TYR A 147 17.00 0.19 -6.24
C TYR A 147 17.23 0.19 -4.73
N ALA A 148 18.37 0.70 -4.30
CA ALA A 148 18.70 0.69 -2.89
C ALA A 148 17.79 1.68 -2.18
N TYR A 149 17.55 1.48 -0.89
CA TYR A 149 16.54 2.24 -0.18
C TYR A 149 16.80 2.34 1.32
N TYR A 150 16.93 1.20 1.96
CA TYR A 150 17.00 1.12 3.41
C TYR A 150 18.44 1.24 3.88
N ASP A 151 18.67 2.03 4.91
CA ASP A 151 19.96 2.07 5.59
C ASP A 151 19.85 1.24 6.86
N ALA A 152 20.48 0.07 6.84
CA ALA A 152 20.35 -0.92 7.91
C ALA A 152 21.02 -0.52 9.21
N GLU A 153 22.08 0.29 9.16
CA GLU A 153 22.71 0.75 10.40
C GLU A 153 21.74 1.66 11.12
N ASN A 154 21.31 2.71 10.42
CA ASN A 154 20.60 3.83 11.03
C ASN A 154 19.07 3.73 11.00
N HIS A 155 18.54 2.69 10.33
CA HIS A 155 17.07 2.45 10.21
C HIS A 155 16.44 3.69 9.63
N THR A 156 16.83 3.99 8.40
CA THR A 156 16.67 5.31 7.81
C THR A 156 16.62 5.13 6.29
N LEU A 157 16.22 6.17 5.57
CA LEU A 157 16.25 6.15 4.10
C LEU A 157 17.67 6.46 3.61
N ASP A 158 18.34 5.47 3.01
CA ASP A 158 19.69 5.67 2.48
C ASP A 158 19.60 6.41 1.15
N PHE A 159 19.43 7.73 1.22
CA PHE A 159 19.06 8.53 0.05
C PHE A 159 20.14 8.61 -1.04
N ASP A 160 21.39 8.76 -0.62
CA ASP A 160 22.52 8.75 -1.55
C ASP A 160 22.56 7.43 -2.31
N ALA A 161 22.42 6.31 -1.59
CA ALA A 161 22.38 4.98 -2.25
C ALA A 161 21.19 4.86 -3.22
N LEU A 162 20.04 5.43 -2.86
CA LEU A 162 18.87 5.36 -3.73
C LEU A 162 19.13 6.07 -5.06
N ILE A 163 19.51 7.34 -4.99
CA ILE A 163 19.87 8.11 -6.21
C ILE A 163 20.95 7.39 -7.06
N ASN A 164 22.10 7.10 -6.44
CA ASN A 164 23.19 6.35 -7.11
C ASN A 164 22.68 5.13 -7.87
N SER A 165 21.79 4.38 -7.22
CA SER A 165 21.20 3.15 -7.73
C SER A 165 20.43 3.38 -9.02
N LEU A 166 19.61 4.43 -8.99
CA LEU A 166 18.67 4.70 -10.07
C LEU A 166 19.30 5.39 -11.27
N ASN A 167 20.58 5.77 -11.17
CA ASN A 167 21.30 6.27 -12.34
C ASN A 167 21.44 5.15 -13.37
N GLU A 168 21.34 3.91 -12.93
CA GLU A 168 21.34 2.76 -13.85
C GLU A 168 20.03 2.61 -14.67
N ALA A 169 18.99 3.36 -14.30
CA ALA A 169 17.68 3.28 -14.96
C ALA A 169 17.71 4.05 -16.27
N GLN A 170 17.33 3.44 -17.38
CA GLN A 170 17.32 4.13 -18.68
C GLN A 170 16.06 4.95 -18.87
N ALA A 171 16.16 5.97 -19.71
CA ALA A 171 14.99 6.62 -20.26
C ALA A 171 13.98 5.57 -20.69
N GLY A 172 12.77 5.63 -20.14
CA GLY A 172 11.67 4.73 -20.59
C GLY A 172 11.45 3.49 -19.70
N ASP A 173 12.23 3.41 -18.63
CA ASP A 173 12.01 2.50 -17.50
C ASP A 173 10.98 3.07 -16.52
N VAL A 174 10.19 2.17 -15.92
CA VAL A 174 9.26 2.54 -14.86
C VAL A 174 9.98 2.52 -13.54
N VAL A 175 9.69 3.49 -12.67
CA VAL A 175 10.23 3.50 -11.31
C VAL A 175 9.03 3.64 -10.37
N LEU A 176 8.86 2.61 -9.55
CA LEU A 176 7.74 2.44 -8.62
C LEU A 176 8.04 3.07 -7.32
N PHE A 177 7.20 3.99 -6.90
CA PHE A 177 7.34 4.65 -5.63
C PHE A 177 6.14 4.30 -4.74
N HIS A 178 6.41 3.95 -3.48
CA HIS A 178 5.38 3.81 -2.48
C HIS A 178 4.99 5.21 -2.05
N GLY A 179 3.74 5.57 -2.22
CA GLY A 179 3.35 6.97 -2.01
C GLY A 179 3.52 7.44 -0.61
N CYS A 180 3.24 6.56 0.34
CA CYS A 180 3.51 6.79 1.74
C CYS A 180 3.47 5.46 2.43
N CYS A 181 3.89 5.43 3.68
CA CYS A 181 3.86 4.21 4.46
C CYS A 181 4.54 3.03 3.74
N HIS A 182 5.81 3.20 3.43
CA HIS A 182 6.55 2.18 2.71
C HIS A 182 6.33 0.78 3.33
N ASN A 183 6.10 -0.21 2.48
CA ASN A 183 5.96 -1.63 2.85
C ASN A 183 7.21 -2.33 2.30
N PRO A 184 8.09 -2.85 3.18
CA PRO A 184 7.92 -3.21 4.57
C PRO A 184 8.54 -2.31 5.63
N THR A 185 9.18 -1.22 5.22
CA THR A 185 10.06 -0.49 6.15
C THR A 185 9.41 0.60 7.03
N GLY A 186 8.28 1.15 6.57
CA GLY A 186 7.66 2.30 7.21
C GLY A 186 8.38 3.62 6.94
N ILE A 187 9.40 3.58 6.07
CA ILE A 187 10.28 4.75 5.85
C ILE A 187 9.93 5.41 4.56
N ASP A 188 9.58 6.69 4.64
CA ASP A 188 9.18 7.47 3.49
C ASP A 188 10.14 8.63 3.24
N PRO A 189 10.22 9.09 1.98
CA PRO A 189 10.92 10.34 1.66
C PRO A 189 10.25 11.53 2.32
N THR A 190 11.06 12.54 2.67
CA THR A 190 10.52 13.84 3.12
C THR A 190 10.01 14.52 1.85
N LEU A 191 9.24 15.59 2.03
CA LEU A 191 8.83 16.42 0.90
C LEU A 191 10.06 16.93 0.10
N GLU A 192 11.07 17.47 0.79
CA GLU A 192 12.31 17.96 0.13
C GLU A 192 12.86 16.80 -0.77
N GLN A 193 12.97 15.60 -0.20
CA GLN A 193 13.44 14.43 -0.96
C GLN A 193 12.51 13.98 -2.10
N TRP A 194 11.19 14.13 -1.94
CA TRP A 194 10.28 13.79 -3.05
C TRP A 194 10.51 14.73 -4.21
N GLN A 195 10.56 16.02 -3.88
CA GLN A 195 10.84 17.09 -4.85
C GLN A 195 12.11 16.83 -5.67
N THR A 196 13.16 16.36 -5.00
CA THR A 196 14.41 15.98 -5.64
C THR A 196 14.27 14.76 -6.56
N LEU A 197 13.50 13.76 -6.11
CA LEU A 197 13.22 12.59 -6.96
C LEU A 197 12.39 12.97 -8.17
N ALA A 198 11.45 13.89 -7.99
CA ALA A 198 10.65 14.37 -9.10
C ALA A 198 11.54 15.03 -10.18
N GLN A 199 12.47 15.87 -9.77
CA GLN A 199 13.41 16.50 -10.72
C GLN A 199 14.27 15.46 -11.44
N LEU A 200 14.91 14.60 -10.68
CA LEU A 200 15.71 13.55 -11.30
C LEU A 200 14.92 12.77 -12.34
N SER A 201 13.65 12.45 -12.04
CA SER A 201 12.89 11.53 -12.92
C SER A 201 12.51 12.15 -14.25
N VAL A 202 12.22 13.45 -14.24
CA VAL A 202 11.99 14.15 -15.52
C VAL A 202 13.29 14.27 -16.32
N GLU A 203 14.41 14.48 -15.62
CA GLU A 203 15.73 14.54 -16.31
C GLU A 203 16.12 13.20 -16.93
N LYS A 204 15.88 12.11 -16.20
CA LYS A 204 16.30 10.77 -16.66
C LYS A 204 15.27 10.08 -17.59
N GLY A 205 14.04 10.58 -17.58
CA GLY A 205 13.00 10.07 -18.50
C GLY A 205 12.26 8.85 -18.00
N TRP A 206 12.14 8.73 -16.68
CA TRP A 206 11.41 7.63 -16.03
C TRP A 206 9.93 7.85 -16.12
N LEU A 207 9.15 6.79 -16.35
CA LEU A 207 7.70 6.83 -16.09
C LEU A 207 7.44 6.49 -14.60
N PRO A 208 7.02 7.48 -13.78
CA PRO A 208 6.69 7.20 -12.38
C PRO A 208 5.43 6.36 -12.25
N LEU A 209 5.46 5.35 -11.38
CA LEU A 209 4.28 4.54 -11.01
C LEU A 209 4.15 4.59 -9.50
N PHE A 210 3.10 5.23 -9.01
CA PHE A 210 2.91 5.32 -7.57
C PHE A 210 1.96 4.24 -7.06
N ASP A 211 2.32 3.67 -5.94
CA ASP A 211 1.52 2.68 -5.30
C ASP A 211 1.11 3.23 -3.97
N PHE A 212 -0.19 3.44 -3.82
CA PHE A 212 -0.77 3.99 -2.62
C PHE A 212 -1.66 2.94 -1.97
N ALA A 213 -1.14 2.30 -0.93
CA ALA A 213 -1.84 1.21 -0.27
C ALA A 213 -2.42 1.66 1.04
N GLN A 214 -1.92 2.77 1.57
CA GLN A 214 -2.20 3.20 2.91
C GLN A 214 -2.41 4.70 2.99
N GLN A 215 -3.01 5.32 1.98
CA GLN A 215 -3.26 6.77 2.08
C GLN A 215 -4.10 7.09 3.33
N GLY A 216 -3.57 7.98 4.17
CA GLY A 216 -4.22 8.43 5.41
C GLY A 216 -3.62 7.80 6.65
N PHE A 217 -2.64 6.93 6.48
CA PHE A 217 -2.03 6.23 7.63
C PHE A 217 -0.70 6.82 8.09
N ALA A 218 -0.12 7.75 7.33
CA ALA A 218 1.14 8.39 7.75
C ALA A 218 0.80 9.64 8.61
N ARG A 219 0.32 10.71 8.00
CA ARG A 219 -0.07 11.94 8.72
C ARG A 219 -1.49 12.42 8.45
N GLY A 220 -1.95 12.27 7.21
CA GLY A 220 -3.33 12.55 6.89
C GLY A 220 -3.57 12.32 5.41
N LEU A 221 -4.82 12.32 5.01
CA LEU A 221 -5.16 12.06 3.62
C LEU A 221 -4.32 12.95 2.70
N GLU A 222 -4.32 14.24 2.99
CA GLU A 222 -3.75 15.22 2.09
C GLU A 222 -2.23 15.26 2.20
N GLU A 223 -1.71 15.19 3.41
CA GLU A 223 -0.28 15.18 3.61
C GLU A 223 0.35 13.97 2.92
N ASP A 224 -0.33 12.82 2.98
CA ASP A 224 0.28 11.60 2.52
C ASP A 224 0.40 11.60 1.00
N ALA A 225 -0.34 12.50 0.34
CA ALA A 225 -0.34 12.60 -1.13
C ALA A 225 0.66 13.66 -1.69
N GLU A 226 1.40 14.32 -0.80
CA GLU A 226 2.28 15.39 -1.20
C GLU A 226 3.39 14.96 -2.18
N GLY A 227 3.98 13.81 -1.91
CA GLY A 227 5.03 13.27 -2.78
C GLY A 227 4.50 13.06 -4.16
N LEU A 228 3.34 12.40 -4.24
CA LEU A 228 2.69 12.17 -5.54
C LEU A 228 2.39 13.47 -6.23
N ARG A 229 1.90 14.45 -5.46
CA ARG A 229 1.60 15.79 -6.00
C ARG A 229 2.81 16.52 -6.52
N ALA A 230 3.98 16.34 -5.89
CA ALA A 230 5.21 17.01 -6.37
C ALA A 230 5.60 16.39 -7.70
N PHE A 231 5.28 15.12 -7.89
CA PHE A 231 5.59 14.49 -9.14
C PHE A 231 4.59 14.96 -10.15
N ALA A 232 3.33 15.01 -9.76
CA ALA A 232 2.28 15.47 -10.66
C ALA A 232 2.58 16.86 -11.18
N ALA A 233 3.09 17.74 -10.33
CA ALA A 233 3.40 19.11 -10.78
C ALA A 233 4.47 19.12 -11.89
N MET A 234 5.32 18.10 -11.91
CA MET A 234 6.50 18.09 -12.76
C MET A 234 6.32 17.31 -14.07
N HIS A 235 5.41 16.31 -14.09
CA HIS A 235 5.40 15.31 -15.14
C HIS A 235 4.23 15.42 -16.05
N LYS A 236 4.42 15.12 -17.32
CA LYS A 236 3.33 15.01 -18.28
C LYS A 236 2.60 13.68 -18.05
N GLU A 237 3.39 12.65 -17.75
CA GLU A 237 2.90 11.30 -17.66
C GLU A 237 3.23 10.62 -16.34
N LEU A 238 2.23 9.96 -15.76
CA LEU A 238 2.45 9.00 -14.68
C LEU A 238 1.26 8.05 -14.49
N ILE A 239 1.43 7.04 -13.65
CA ILE A 239 0.37 6.07 -13.32
C ILE A 239 0.31 5.91 -11.82
N VAL A 240 -0.90 5.80 -11.26
CA VAL A 240 -1.12 5.54 -9.84
C VAL A 240 -2.01 4.27 -9.61
N ALA A 241 -1.48 3.31 -8.87
CA ALA A 241 -2.22 2.18 -8.37
C ALA A 241 -2.66 2.55 -6.94
N SER A 242 -3.95 2.68 -6.69
CA SER A 242 -4.39 2.92 -5.30
C SER A 242 -5.30 1.83 -4.77
N SER A 243 -5.28 1.70 -3.45
CA SER A 243 -6.11 0.74 -2.73
C SER A 243 -6.94 1.39 -1.60
N TYR A 244 -8.20 1.02 -1.54
CA TYR A 244 -9.04 1.31 -0.40
C TYR A 244 -9.16 0.19 0.63
N SER A 245 -8.26 -0.81 0.55
CA SER A 245 -8.35 -2.00 1.39
C SER A 245 -8.13 -1.68 2.86
N LYS A 246 -7.07 -0.92 3.15
CA LYS A 246 -6.71 -0.61 4.52
C LYS A 246 -7.46 0.61 5.00
N ASN A 247 -7.59 1.65 4.17
CA ASN A 247 -8.22 2.86 4.71
C ASN A 247 -9.75 2.83 4.81
N PHE A 248 -10.42 1.85 4.21
CA PHE A 248 -11.88 1.64 4.43
C PHE A 248 -12.16 0.30 5.09
N GLY A 249 -11.10 -0.45 5.38
CA GLY A 249 -11.23 -1.81 5.84
C GLY A 249 -12.02 -2.72 4.91
N LEU A 250 -11.82 -2.56 3.61
CA LEU A 250 -12.56 -3.29 2.60
C LEU A 250 -11.72 -4.38 1.85
N TYR A 251 -10.71 -4.91 2.53
CA TYR A 251 -9.77 -5.91 1.98
C TYR A 251 -10.41 -6.88 0.98
N ASN A 252 -11.40 -7.65 1.43
CA ASN A 252 -11.91 -8.77 0.61
C ASN A 252 -12.86 -8.38 -0.54
N GLU A 253 -13.24 -7.10 -0.59
CA GLU A 253 -14.12 -6.62 -1.65
C GLU A 253 -13.36 -6.09 -2.87
N ARG A 254 -12.04 -6.00 -2.76
CA ARG A 254 -11.16 -5.69 -3.87
C ARG A 254 -11.47 -4.33 -4.49
N VAL A 255 -11.14 -3.29 -3.73
CA VAL A 255 -11.48 -1.95 -4.09
C VAL A 255 -10.21 -1.17 -4.32
N GLY A 256 -9.89 -0.95 -5.59
CA GLY A 256 -8.72 -0.16 -5.95
C GLY A 256 -8.92 0.72 -7.17
N ALA A 257 -7.84 1.36 -7.61
CA ALA A 257 -7.92 2.18 -8.79
C ALA A 257 -6.59 2.24 -9.52
N CYS A 258 -6.69 2.20 -10.84
CA CYS A 258 -5.57 2.55 -11.70
C CYS A 258 -5.85 3.87 -12.35
N THR A 259 -5.04 4.87 -12.06
CA THR A 259 -5.19 6.21 -12.66
C THR A 259 -4.05 6.54 -13.60
N LEU A 260 -4.43 6.82 -14.84
CA LEU A 260 -3.50 7.17 -15.92
C LEU A 260 -3.47 8.69 -16.11
N VAL A 261 -2.28 9.29 -16.13
CA VAL A 261 -2.11 10.72 -16.44
C VAL A 261 -1.23 10.91 -17.67
N ALA A 262 -1.68 11.74 -18.64
CA ALA A 262 -0.89 12.10 -19.87
C ALA A 262 -0.92 13.62 -20.10
N ALA A 263 -0.19 14.10 -21.13
CA ALA A 263 0.09 15.55 -21.29
C ALA A 263 -1.20 16.28 -21.46
N ASP A 264 -2.15 15.64 -22.11
CA ASP A 264 -3.42 16.28 -22.36
C ASP A 264 -4.56 15.29 -22.50
N SER A 265 -5.74 15.85 -22.54
CA SER A 265 -6.98 15.14 -22.51
C SER A 265 -7.21 14.25 -23.75
N GLU A 266 -6.74 14.70 -24.90
CA GLU A 266 -6.80 13.87 -26.11
C GLU A 266 -5.93 12.65 -25.94
N THR A 267 -4.74 12.84 -25.39
CA THR A 267 -3.79 11.74 -25.27
C THR A 267 -4.23 10.71 -24.21
N VAL A 268 -4.65 11.16 -23.03
CA VAL A 268 -5.05 10.25 -21.96
C VAL A 268 -6.24 9.41 -22.39
N ASP A 269 -7.17 10.00 -23.13
CA ASP A 269 -8.33 9.26 -23.60
C ASP A 269 -7.92 8.17 -24.56
N ARG A 270 -6.95 8.46 -25.43
CA ARG A 270 -6.50 7.46 -26.38
C ARG A 270 -5.80 6.31 -25.67
N ALA A 271 -4.83 6.67 -24.83
CA ALA A 271 -4.14 5.70 -24.03
C ALA A 271 -5.13 4.88 -23.16
N PHE A 272 -6.12 5.56 -22.58
CA PHE A 272 -7.03 4.94 -21.62
C PHE A 272 -7.88 3.92 -22.32
N SER A 273 -8.16 4.14 -23.61
CA SER A 273 -8.94 3.20 -24.40
C SER A 273 -8.26 1.83 -24.44
N GLN A 274 -6.94 1.84 -24.46
CA GLN A 274 -6.16 0.62 -24.48
C GLN A 274 -5.98 0.05 -23.08
N MET A 275 -6.03 0.90 -22.06
CA MET A 275 -6.06 0.42 -20.69
C MET A 275 -7.36 -0.32 -20.48
N LYS A 276 -8.44 0.16 -21.07
CA LYS A 276 -9.70 -0.54 -20.97
C LYS A 276 -9.72 -1.89 -21.71
N ALA A 277 -9.04 -1.97 -22.86
CA ALA A 277 -8.93 -3.27 -23.58
C ALA A 277 -8.19 -4.25 -22.71
N ALA A 278 -7.20 -3.78 -21.96
CA ALA A 278 -6.42 -4.63 -21.05
C ALA A 278 -7.26 -5.15 -19.84
N ILE A 279 -8.23 -4.38 -19.41
CA ILE A 279 -9.18 -4.79 -18.39
C ILE A 279 -10.18 -5.79 -18.98
N TYR A 280 -10.66 -5.47 -20.17
CA TYR A 280 -11.59 -6.29 -20.91
C TYR A 280 -11.07 -7.74 -21.10
N ALA A 281 -9.81 -7.87 -21.48
CA ALA A 281 -9.15 -9.18 -21.69
C ALA A 281 -8.77 -9.88 -20.38
N ASN A 282 -9.08 -9.28 -19.24
CA ASN A 282 -8.72 -9.81 -17.93
C ASN A 282 -9.98 -10.20 -17.13
N TYR A 283 -10.65 -9.25 -16.47
CA TYR A 283 -11.81 -9.61 -15.67
C TYR A 283 -13.04 -8.91 -16.14
N SER A 284 -12.95 -8.32 -17.32
CA SER A 284 -14.07 -7.70 -18.03
C SER A 284 -14.58 -6.36 -17.51
N ASN A 285 -14.97 -6.35 -16.24
CA ASN A 285 -15.46 -5.14 -15.58
C ASN A 285 -15.35 -5.37 -14.08
N PRO A 286 -15.31 -4.29 -13.28
CA PRO A 286 -14.90 -4.49 -11.91
C PRO A 286 -16.09 -4.73 -10.96
N PRO A 287 -15.80 -5.24 -9.75
CA PRO A 287 -16.83 -5.58 -8.80
C PRO A 287 -17.42 -4.37 -8.10
N ALA A 288 -18.72 -4.28 -8.14
CA ALA A 288 -19.47 -3.07 -7.75
C ALA A 288 -19.45 -2.77 -6.24
N HIS A 289 -19.75 -3.78 -5.42
CA HIS A 289 -20.17 -3.58 -4.05
C HIS A 289 -19.18 -2.71 -3.25
N GLY A 290 -17.92 -3.14 -3.19
CA GLY A 290 -16.90 -2.42 -2.48
C GLY A 290 -16.68 -1.00 -2.92
N ALA A 291 -16.59 -0.81 -4.24
CA ALA A 291 -16.34 0.51 -4.83
C ALA A 291 -17.56 1.42 -4.62
N SER A 292 -18.73 0.79 -4.65
CA SER A 292 -19.97 1.49 -4.41
C SER A 292 -20.05 1.98 -2.95
N VAL A 293 -19.64 1.13 -2.03
CA VAL A 293 -19.49 1.59 -0.66
C VAL A 293 -18.59 2.82 -0.60
N VAL A 294 -17.43 2.75 -1.26
CA VAL A 294 -16.49 3.83 -1.21
C VAL A 294 -17.08 5.11 -1.81
N ALA A 295 -17.76 5.02 -2.93
CA ALA A 295 -18.28 6.21 -3.59
C ALA A 295 -19.41 6.82 -2.77
N THR A 296 -20.19 5.96 -2.15
CA THR A 296 -21.30 6.44 -1.35
CA THR A 296 -21.30 6.36 -1.31
C THR A 296 -20.79 7.10 -0.06
N ILE A 297 -19.68 6.59 0.52
CA ILE A 297 -19.04 7.27 1.63
C ILE A 297 -18.40 8.60 1.17
N LEU A 298 -17.59 8.58 0.11
CA LEU A 298 -16.86 9.81 -0.25
C LEU A 298 -17.71 11.00 -0.71
N SER A 299 -18.87 10.71 -1.27
CA SER A 299 -19.70 11.74 -1.89
C SER A 299 -20.86 12.22 -0.99
N ASN A 300 -20.87 11.74 0.26
CA ASN A 300 -21.86 12.11 1.25
C ASN A 300 -21.12 12.75 2.43
N ASP A 301 -21.52 13.99 2.72
CA ASP A 301 -20.87 14.83 3.75
C ASP A 301 -20.81 14.10 5.11
N ALA A 302 -21.95 13.64 5.57
CA ALA A 302 -22.09 12.98 6.86
C ALA A 302 -21.25 11.71 6.95
N LEU A 303 -21.41 10.82 5.96
CA LEU A 303 -20.65 9.55 5.98
C LEU A 303 -19.15 9.77 5.83
N ARG A 304 -18.76 10.69 4.96
CA ARG A 304 -17.35 11.01 4.77
C ARG A 304 -16.74 11.51 6.08
N ALA A 305 -17.45 12.37 6.80
CA ALA A 305 -16.92 12.88 8.07
C ALA A 305 -16.73 11.74 9.06
N ILE A 306 -17.68 10.83 9.14
CA ILE A 306 -17.58 9.68 10.04
C ILE A 306 -16.36 8.82 9.69
N TRP A 307 -16.20 8.56 8.39
CA TRP A 307 -15.13 7.76 7.84
C TRP A 307 -13.78 8.44 8.05
N GLU A 308 -13.71 9.75 7.85
CA GLU A 308 -12.44 10.45 8.10
C GLU A 308 -12.02 10.35 9.55
N GLN A 309 -12.96 10.47 10.49
CA GLN A 309 -12.60 10.24 11.90
C GLN A 309 -12.15 8.81 12.15
N GLU A 310 -12.82 7.84 11.54
CA GLU A 310 -12.45 6.44 11.75
C GLU A 310 -11.02 6.26 11.25
N LEU A 311 -10.69 6.86 10.12
CA LEU A 311 -9.34 6.74 9.54
C LEU A 311 -8.33 7.41 10.44
N THR A 312 -8.67 8.58 10.95
CA THR A 312 -7.83 9.29 11.91
C THR A 312 -7.61 8.47 13.17
N ASP A 313 -8.65 7.76 13.62
CA ASP A 313 -8.48 6.92 14.83
C ASP A 313 -7.54 5.77 14.59
N MET A 314 -7.59 5.18 13.38
CA MET A 314 -6.68 4.10 13.09
C MET A 314 -5.25 4.67 13.08
N ARG A 315 -5.03 5.76 12.35
CA ARG A 315 -3.68 6.37 12.25
C ARG A 315 -3.09 6.69 13.62
N GLN A 316 -3.92 7.22 14.51
CA GLN A 316 -3.45 7.64 15.84
C GLN A 316 -3.18 6.46 16.74
N ARG A 317 -4.03 5.43 16.66
CA ARG A 317 -3.80 4.23 17.46
C ARG A 317 -2.46 3.60 17.06
N ILE A 318 -2.16 3.55 15.77
CA ILE A 318 -0.84 3.11 15.33
C ILE A 318 0.26 4.00 15.91
N GLN A 319 0.07 5.30 15.86
CA GLN A 319 1.07 6.24 16.42
C GLN A 319 1.28 6.04 17.92
N ARG A 320 0.21 5.80 18.66
CA ARG A 320 0.34 5.48 20.07
C ARG A 320 1.03 4.13 20.27
N MET A 321 0.80 3.17 19.39
CA MET A 321 1.50 1.91 19.56
C MET A 321 3.02 2.02 19.27
N ARG A 322 3.39 2.75 18.24
CA ARG A 322 4.80 3.03 17.98
C ARG A 322 5.51 3.58 19.24
N GLN A 323 4.87 4.55 19.89
CA GLN A 323 5.40 5.17 21.09
C GLN A 323 5.39 4.22 22.26
N LEU A 324 4.30 3.49 22.48
CA LEU A 324 4.28 2.48 23.58
C LEU A 324 5.30 1.37 23.35
N PHE A 325 5.58 1.05 22.09
CA PHE A 325 6.58 0.04 21.76
C PHE A 325 7.99 0.47 22.21
N VAL A 326 8.41 1.65 21.78
CA VAL A 326 9.72 2.18 22.14
C VAL A 326 9.82 2.36 23.67
N ASN A 327 8.81 2.98 24.28
CA ASN A 327 8.83 3.21 25.73
C ASN A 327 8.87 1.94 26.53
N THR A 328 8.17 0.90 26.08
CA THR A 328 8.19 -0.36 26.79
C THR A 328 9.50 -1.14 26.59
N LEU A 329 10.09 -1.05 25.41
CA LEU A 329 11.40 -1.68 25.18
C LEU A 329 12.52 -1.07 26.08
N GLN A 330 12.52 0.26 26.26
CA GLN A 330 13.53 0.93 27.08
C GLN A 330 13.45 0.41 28.51
N GLU A 331 12.22 0.23 29.00
CA GLU A 331 11.97 -0.11 30.40
C GLU A 331 11.86 -1.61 30.67
N LYS A 332 11.90 -2.45 29.64
CA LYS A 332 12.08 -3.90 29.83
C LYS A 332 13.53 -4.30 29.59
N GLY A 333 14.38 -3.31 29.31
CA GLY A 333 15.83 -3.47 29.33
C GLY A 333 16.55 -3.62 27.99
N ALA A 334 15.95 -3.14 26.91
CA ALA A 334 16.46 -3.47 25.56
C ALA A 334 17.85 -2.91 25.22
N ASN A 335 18.68 -3.75 24.62
CA ASN A 335 20.10 -3.40 24.33
C ASN A 335 20.31 -2.59 23.03
N ARG A 336 19.26 -1.89 22.57
CA ARG A 336 19.34 -1.01 21.41
C ARG A 336 18.41 0.16 21.62
N ASP A 337 18.68 1.23 20.89
CA ASP A 337 17.76 2.34 20.83
C ASP A 337 16.76 2.17 19.66
N PHE A 338 15.48 2.02 19.97
CA PHE A 338 14.41 1.81 18.96
C PHE A 338 13.62 3.08 18.57
N SER A 339 14.07 4.25 18.98
CA SER A 339 13.32 5.47 18.68
CA SER A 339 13.45 5.54 18.65
C SER A 339 13.16 5.74 17.16
N PHE A 340 13.85 5.01 16.31
CA PHE A 340 13.58 5.11 14.86
C PHE A 340 12.15 4.63 14.47
N ILE A 341 11.52 3.84 15.34
CA ILE A 341 10.16 3.35 15.09
CA ILE A 341 10.17 3.34 15.09
C ILE A 341 9.19 4.51 15.04
N ILE A 342 9.38 5.48 15.94
CA ILE A 342 8.52 6.67 16.00
C ILE A 342 8.50 7.46 14.67
N LYS A 343 9.63 7.51 13.99
CA LYS A 343 9.70 8.29 12.75
C LYS A 343 9.18 7.46 11.57
N GLN A 344 8.90 6.18 11.79
CA GLN A 344 8.37 5.37 10.72
C GLN A 344 6.84 5.48 10.65
N ASN A 345 6.30 5.22 9.47
CA ASN A 345 4.92 5.54 9.14
C ASN A 345 4.07 4.38 8.70
N GLY A 346 2.83 4.36 9.19
CA GLY A 346 1.83 3.43 8.68
C GLY A 346 1.80 2.15 9.46
N MET A 347 1.35 1.08 8.84
CA MET A 347 1.24 -0.18 9.60
C MET A 347 2.53 -0.93 9.83
N PHE A 348 3.54 -0.67 9.00
CA PHE A 348 4.75 -1.50 9.01
C PHE A 348 6.01 -0.80 9.55
N SER A 349 6.89 -1.59 10.18
CA SER A 349 8.24 -1.15 10.52
C SER A 349 9.19 -2.32 10.37
N PHE A 350 10.38 -2.04 9.86
CA PHE A 350 11.47 -3.00 9.92
C PHE A 350 11.96 -2.91 11.35
N SER A 351 11.78 -3.98 12.11
CA SER A 351 12.22 -4.02 13.52
C SER A 351 13.73 -4.07 13.68
N GLY A 352 14.43 -4.53 12.64
CA GLY A 352 15.87 -4.73 12.68
C GLY A 352 16.26 -6.06 13.30
N LEU A 353 15.28 -6.90 13.62
CA LEU A 353 15.55 -8.23 14.12
C LEU A 353 16.08 -9.11 12.96
N THR A 354 16.96 -10.03 13.29
CA THR A 354 17.50 -10.95 12.31
C THR A 354 16.53 -12.07 12.02
N LYS A 355 16.72 -12.75 10.89
CA LYS A 355 15.87 -13.84 10.55
C LYS A 355 15.92 -14.94 11.62
N GLU A 356 17.08 -15.16 12.22
CA GLU A 356 17.24 -16.11 13.33
C GLU A 356 16.51 -15.62 14.57
N GLN A 357 16.62 -14.33 14.83
CA GLN A 357 15.84 -13.73 15.92
C GLN A 357 14.32 -13.88 15.75
N VAL A 358 13.80 -13.69 14.52
CA VAL A 358 12.37 -13.82 14.34
C VAL A 358 11.99 -15.29 14.48
N LEU A 359 12.80 -16.17 13.92
CA LEU A 359 12.53 -17.61 14.07
C LEU A 359 12.43 -18.00 15.54
N ARG A 360 13.35 -17.51 16.34
CA ARG A 360 13.35 -17.76 17.79
C ARG A 360 12.13 -17.17 18.49
N LEU A 361 11.75 -15.97 18.12
CA LEU A 361 10.57 -15.34 18.70
C LEU A 361 9.34 -16.21 18.51
N ARG A 362 9.23 -16.84 17.35
CA ARG A 362 8.15 -17.77 17.05
C ARG A 362 8.21 -19.05 17.90
N GLU A 363 9.37 -19.72 17.88
CA GLU A 363 9.50 -21.04 18.49
C GLU A 363 9.48 -20.95 20.01
N GLU A 364 10.23 -20.02 20.59
CA GLU A 364 10.25 -19.89 22.06
C GLU A 364 9.10 -19.09 22.66
N PHE A 365 8.64 -18.09 21.92
CA PHE A 365 7.76 -17.08 22.51
C PHE A 365 6.38 -16.93 21.87
N GLY A 366 6.12 -17.65 20.78
CA GLY A 366 4.84 -17.49 20.06
C GLY A 366 4.57 -16.06 19.58
N VAL A 367 5.64 -15.32 19.30
CA VAL A 367 5.53 -13.99 18.72
C VAL A 367 5.94 -14.13 17.26
N TYR A 368 5.04 -13.72 16.37
CA TYR A 368 5.14 -14.00 14.96
C TYR A 368 5.38 -12.71 14.20
N ALA A 369 6.55 -12.60 13.56
CA ALA A 369 6.84 -11.53 12.61
C ALA A 369 7.28 -12.18 11.31
N VAL A 370 7.48 -11.40 10.27
CA VAL A 370 7.95 -11.90 8.97
C VAL A 370 9.47 -12.09 9.02
N ALA A 371 9.99 -12.97 8.17
CA ALA A 371 11.44 -13.34 8.18
C ALA A 371 12.39 -12.14 8.07
N SER A 372 11.96 -11.11 7.34
CA SER A 372 12.74 -9.89 7.14
C SER A 372 12.85 -9.04 8.39
N GLY A 373 12.02 -9.30 9.38
CA GLY A 373 11.93 -8.41 10.52
C GLY A 373 10.74 -7.46 10.43
N ARG A 374 9.95 -7.53 9.37
CA ARG A 374 8.74 -6.72 9.31
C ARG A 374 7.76 -7.07 10.44
N VAL A 375 7.38 -6.04 11.19
CA VAL A 375 6.29 -6.14 12.13
C VAL A 375 5.09 -5.25 11.68
N ASN A 376 3.89 -5.73 11.96
CA ASN A 376 2.67 -4.96 11.82
C ASN A 376 2.40 -4.26 13.13
N VAL A 377 2.58 -2.95 13.16
CA VAL A 377 2.42 -2.24 14.41
C VAL A 377 0.97 -2.33 14.95
N ALA A 378 -0.01 -2.43 14.07
CA ALA A 378 -1.42 -2.51 14.48
C ALA A 378 -1.70 -3.82 15.21
N GLY A 379 -0.77 -4.76 15.11
CA GLY A 379 -0.89 -6.03 15.81
C GLY A 379 -0.57 -5.87 17.27
N MET A 380 0.00 -4.72 17.66
CA MET A 380 0.32 -4.43 19.06
C MET A 380 -0.88 -3.75 19.70
N THR A 381 -1.09 -4.05 20.97
CA THR A 381 -2.15 -3.45 21.79
C THR A 381 -1.58 -3.20 23.15
N PRO A 382 -2.28 -2.39 23.96
CA PRO A 382 -1.78 -2.18 25.34
C PRO A 382 -1.70 -3.47 26.15
N ASP A 383 -2.53 -4.45 25.85
CA ASP A 383 -2.52 -5.70 26.58
C ASP A 383 -1.36 -6.64 26.21
N ASN A 384 -0.99 -6.71 24.92
CA ASN A 384 0.07 -7.64 24.51
C ASN A 384 1.46 -7.00 24.48
N MET A 385 1.55 -5.73 24.82
CA MET A 385 2.79 -4.99 24.68
C MET A 385 3.92 -5.44 25.64
N ALA A 386 3.59 -5.57 26.93
CA ALA A 386 4.56 -6.00 27.93
C ALA A 386 5.22 -7.29 27.48
N PRO A 387 4.43 -8.36 27.25
CA PRO A 387 5.05 -9.64 26.89
C PRO A 387 5.71 -9.63 25.50
N LEU A 388 5.23 -8.75 24.61
CA LEU A 388 5.82 -8.64 23.29
C LEU A 388 7.25 -8.20 23.45
N CYS A 389 7.42 -7.11 24.19
CA CYS A 389 8.71 -6.49 24.40
C CYS A 389 9.65 -7.33 25.29
N GLU A 390 9.09 -8.06 26.26
CA GLU A 390 9.90 -8.95 27.09
C GLU A 390 10.56 -9.99 26.20
N ALA A 391 9.73 -10.60 25.36
CA ALA A 391 10.18 -11.63 24.44
C ALA A 391 11.28 -11.09 23.55
N ILE A 392 11.06 -9.92 22.95
CA ILE A 392 12.09 -9.31 22.06
C ILE A 392 13.37 -9.09 22.84
N VAL A 393 13.27 -8.39 23.98
CA VAL A 393 14.40 -8.16 24.86
C VAL A 393 15.21 -9.44 25.10
N ALA A 394 14.52 -10.57 25.29
CA ALA A 394 15.17 -11.87 25.59
C ALA A 394 15.97 -12.46 24.43
N VAL A 395 15.64 -12.03 23.21
CA VAL A 395 16.23 -12.56 21.98
C VAL A 395 17.37 -11.67 21.45
N LEU A 396 17.50 -10.46 21.99
CA LEU A 396 18.47 -9.50 21.45
C LEU A 396 19.95 -9.88 21.73
N1 PP3 B . 0.75 -2.36 -2.40
C2 PP3 B . 1.28 -2.25 -1.17
C2A PP3 B . 2.52 -1.44 -0.98
C3 PP3 B . 0.67 -2.91 -0.07
O3 PP3 B . 1.21 -2.80 1.19
C4 PP3 B . -0.50 -3.68 -0.25
C4A PP3 B . -1.09 -4.35 0.98
C5 PP3 B . -1.06 -3.77 -1.54
C6 PP3 B . -0.44 -3.13 -2.59
C5A PP3 B . -2.30 -4.59 -1.85
O4P PP3 B . -3.54 -4.01 -1.76
P PP3 B . -4.81 -4.68 -2.29
O1P PP3 B . -5.41 -5.57 -1.20
O2P PP3 B . -4.64 -5.42 -3.61
O3P PP3 B . -5.68 -3.52 -2.57
N PP3 B . -0.18 -4.87 1.99
CA PP3 B . -0.51 -6.04 2.80
C PP3 B . 0.63 -7.02 2.91
O PP3 B . 1.48 -6.87 3.77
CB PP3 B . -1.84 -6.69 2.58
OXT PP3 B . 0.61 -8.23 2.25
C1 PEG C . -27.15 7.26 4.05
O1 PEG C . -26.48 7.18 5.32
C2 PEG C . -26.41 8.14 3.05
O2 PEG C . -26.75 7.76 1.71
C3 PEG C . -26.24 8.65 0.73
C4 PEG C . -27.29 9.69 0.38
O4 PEG C . -26.71 10.53 -0.62
C1 PEG D . 9.96 -14.08 -15.13
O1 PEG D . 11.30 -13.69 -14.80
C2 PEG D . 9.41 -13.31 -16.35
O2 PEG D . 10.07 -12.04 -16.53
C3 PEG D . 9.88 -11.46 -17.83
C4 PEG D . 11.13 -10.75 -18.34
O4 PEG D . 12.12 -10.63 -17.31
C1 GOL E . 14.84 -2.14 -24.57
O1 GOL E . 15.41 -2.78 -25.70
C2 GOL E . 15.88 -1.89 -23.47
O2 GOL E . 15.19 -1.62 -22.26
C3 GOL E . 16.72 -3.14 -23.39
O3 GOL E . 15.81 -4.21 -23.61
C1 GOL F . -22.28 10.49 -15.14
O1 GOL F . -21.18 10.14 -15.97
C2 GOL F . -21.92 10.22 -13.69
O2 GOL F . -20.94 11.15 -13.30
C3 GOL F . -23.06 10.30 -12.71
O3 GOL F . -22.61 9.75 -11.49
C1 GOL G . -15.90 14.10 -4.59
O1 GOL G . -16.08 12.79 -4.04
C2 GOL G . -17.09 14.72 -5.35
O2 GOL G . -17.00 14.44 -6.75
C3 GOL G . -18.48 14.33 -4.86
O3 GOL G . -18.84 15.12 -3.74
C1 GOL H . -2.31 12.23 13.79
O1 GOL H . -2.98 11.44 12.83
C2 GOL H . -3.11 13.49 14.15
O2 GOL H . -2.18 14.48 14.53
C3 GOL H . -4.00 13.98 12.99
O3 GOL H . -4.40 15.33 13.11
#